data_2PXV
#
_entry.id   2PXV
#
_cell.length_a   129.262
_cell.length_b   78.039
_cell.length_c   32.333
_cell.angle_alpha   90.000
_cell.angle_beta   94.140
_cell.angle_gamma   90.000
#
_symmetry.space_group_name_H-M   'C 1 2 1'
#
loop_
_entity.id
_entity.type
_entity.pdbx_description
1 polymer '4.5 S RNA'
2 polymer 'Signal recognition particle protein'
3 non-polymer 'COBALT HEXAMMINE(III)'
#
loop_
_entity_poly.entity_id
_entity_poly.type
_entity_poly.pdbx_seq_one_letter_code
_entity_poly.pdbx_strand_id
1 'polyribonucleotide' GGUGGUGUUUACCAGGUCAGGUCCGAAAGGAAGCAGCCAAGGCACUGCC B
2 'polypeptide(L)'
;FDLNDFLEQLRQMKN(MSE)GG(MSE)ASL(MSE)GKLPG(MSE)GQIPDNVKSQ(MSE)DDKVLVR(MSE)EAIINS
(MSE)T(MSE)KERAKPEIIKGSRKRRIAAGSG(MSE)QVQDVNRLLKQFDD(MSE)QR(MSE)(MSE)KK(MSE)
;
A
#
loop_
_chem_comp.id
_chem_comp.type
_chem_comp.name
_chem_comp.formula
A RNA linking ADENOSINE-5'-MONOPHOSPHATE 'C10 H14 N5 O7 P'
C RNA linking CYTIDINE-5'-MONOPHOSPHATE 'C9 H14 N3 O8 P'
G RNA linking GUANOSINE-5'-MONOPHOSPHATE 'C10 H14 N5 O8 P'
NCO non-polymer 'COBALT HEXAMMINE(III)' 'Co H18 N6 3'
U RNA linking URIDINE-5'-MONOPHOSPHATE 'C9 H13 N2 O9 P'
#
# COMPACT_ATOMS: atom_id res chain seq x y z
N PHE B 1 8.14 -10.44 3.16
CA PHE B 1 6.77 -10.13 2.66
C PHE B 1 6.64 -8.65 2.33
N ASP B 2 6.93 -8.29 1.08
CA ASP B 2 6.84 -6.89 0.65
C ASP B 2 5.48 -6.63 0.00
N LEU B 3 5.18 -5.37 -0.26
CA LEU B 3 3.92 -4.99 -0.88
C LEU B 3 3.70 -5.68 -2.23
N ASN B 4 4.75 -6.34 -2.73
CA ASN B 4 4.65 -7.03 -4.00
C ASN B 4 3.85 -8.31 -3.86
N ASP B 5 4.00 -8.96 -2.71
CA ASP B 5 3.28 -10.20 -2.44
C ASP B 5 1.86 -9.83 -2.03
N PHE B 6 1.76 -8.90 -1.07
CA PHE B 6 0.47 -8.47 -0.58
C PHE B 6 -0.44 -8.00 -1.70
N LEU B 7 0.14 -7.81 -2.89
CA LEU B 7 -0.66 -7.38 -4.03
C LEU B 7 -1.41 -8.58 -4.62
N GLU B 8 -0.71 -9.70 -4.73
CA GLU B 8 -1.31 -10.92 -5.27
C GLU B 8 -2.64 -11.20 -4.58
N GLN B 9 -2.71 -10.88 -3.30
CA GLN B 9 -3.93 -11.07 -2.53
C GLN B 9 -4.86 -9.88 -2.79
N LYS B 43 -15.33 -3.22 -7.56
CA LYS B 43 -14.58 -2.08 -6.96
C LYS B 43 -14.25 -2.34 -5.49
N VAL B 44 -14.58 -3.54 -5.02
CA VAL B 44 -14.32 -3.91 -3.64
C VAL B 44 -12.83 -3.82 -3.34
N LEU B 45 -12.08 -4.81 -3.83
CA LEU B 45 -10.63 -4.85 -3.62
C LEU B 45 -9.95 -4.24 -4.84
N VAL B 46 -10.69 -4.13 -5.94
CA VAL B 46 -10.17 -3.56 -7.17
C VAL B 46 -9.49 -2.21 -6.91
N ARG B 47 -9.98 -1.48 -5.91
CA ARG B 47 -9.42 -0.18 -5.56
C ARG B 47 -8.22 -0.34 -4.63
N MSE B 48 -8.18 -1.44 -3.90
CA MSE B 48 -7.07 -1.69 -2.99
C MSE B 48 -5.87 -2.11 -3.83
O MSE B 48 -4.74 -2.18 -3.34
CB MSE B 48 -7.44 -2.79 -1.99
CG MSE B 48 -6.61 -2.78 -0.72
SE MSE B 48 -7.42 -3.78 0.73
CE MSE B 48 -6.36 -5.40 0.60
N GLU B 49 -6.12 -2.36 -5.10
CA GLU B 49 -5.07 -2.74 -6.04
C GLU B 49 -4.62 -1.43 -6.69
N ALA B 50 -5.60 -0.68 -7.20
CA ALA B 50 -5.34 0.60 -7.84
C ALA B 50 -4.29 1.40 -7.07
N ILE B 51 -4.41 1.38 -5.74
CA ILE B 51 -3.49 2.10 -4.87
C ILE B 51 -2.05 1.64 -5.05
N ILE B 52 -1.82 0.33 -4.97
CA ILE B 52 -0.48 -0.19 -5.15
C ILE B 52 -0.02 0.00 -6.59
N ASN B 53 -0.93 -0.15 -7.55
CA ASN B 53 -0.57 0.04 -8.95
C ASN B 53 -0.20 1.51 -9.18
N SER B 54 -0.05 2.26 -8.09
CA SER B 54 0.30 3.66 -8.22
C SER B 54 1.63 3.91 -7.54
N MSE B 55 2.14 2.90 -6.85
CA MSE B 55 3.41 3.02 -6.16
C MSE B 55 4.59 2.77 -7.11
O MSE B 55 4.40 2.56 -8.32
CB MSE B 55 3.46 2.04 -4.98
CG MSE B 55 2.39 2.29 -3.93
SE MSE B 55 2.50 1.13 -2.39
CE MSE B 55 3.53 2.26 -1.21
N THR B 56 5.80 2.83 -6.57
CA THR B 56 7.01 2.59 -7.35
C THR B 56 7.67 1.35 -6.75
N MSE B 57 8.54 0.70 -7.51
CA MSE B 57 9.21 -0.49 -7.00
C MSE B 57 9.81 -0.28 -5.61
O MSE B 57 9.61 -1.09 -4.71
CB MSE B 57 10.29 -0.96 -7.97
CG MSE B 57 9.72 -1.73 -9.14
SE MSE B 57 8.52 -3.10 -8.48
CE MSE B 57 9.83 -4.47 -8.10
N LYS B 58 10.54 0.81 -5.44
CA LYS B 58 11.17 1.11 -4.15
C LYS B 58 10.12 1.17 -3.04
N GLU B 59 8.99 1.82 -3.33
CA GLU B 59 7.91 1.94 -2.35
C GLU B 59 7.35 0.55 -2.01
N ARG B 60 6.91 -0.19 -3.03
CA ARG B 60 6.36 -1.52 -2.82
C ARG B 60 7.35 -2.49 -2.19
N ALA B 61 8.62 -2.10 -2.15
CA ALA B 61 9.64 -2.99 -1.60
C ALA B 61 10.16 -2.61 -0.21
N LYS B 62 9.89 -1.38 0.22
CA LYS B 62 10.35 -0.91 1.52
C LYS B 62 9.44 0.23 1.95
N PRO B 63 8.17 -0.09 2.24
CA PRO B 63 7.09 0.81 2.67
C PRO B 63 7.43 1.88 3.70
N GLU B 64 8.45 1.64 4.53
CA GLU B 64 8.79 2.63 5.55
C GLU B 64 9.27 3.96 5.01
N ILE B 65 9.03 4.20 3.73
CA ILE B 65 9.44 5.46 3.10
C ILE B 65 8.26 6.15 2.46
N ILE B 66 7.05 5.75 2.82
CA ILE B 66 5.83 6.33 2.25
C ILE B 66 5.23 7.44 3.11
N LYS B 67 5.99 8.50 3.35
CA LYS B 67 5.54 9.62 4.17
C LYS B 67 4.51 10.49 3.43
N GLY B 68 4.23 11.66 4.00
CA GLY B 68 3.27 12.58 3.44
C GLY B 68 3.28 12.67 1.94
N SER B 69 4.25 13.42 1.41
CA SER B 69 4.41 13.65 -0.02
C SER B 69 4.07 12.44 -0.89
N ARG B 70 4.70 11.30 -0.63
CA ARG B 70 4.42 10.12 -1.43
C ARG B 70 2.94 9.81 -1.42
N LYS B 71 2.37 9.76 -0.21
CA LYS B 71 0.95 9.48 -0.06
C LYS B 71 0.17 10.42 -0.98
N ARG B 72 0.29 11.72 -0.76
CA ARG B 72 -0.44 12.65 -1.62
C ARG B 72 -0.28 12.28 -3.08
N ARG B 73 0.81 11.59 -3.42
CA ARG B 73 1.01 11.21 -4.81
C ARG B 73 0.21 9.96 -5.08
N ILE B 74 0.46 8.95 -4.25
CA ILE B 74 -0.19 7.66 -4.33
C ILE B 74 -1.72 7.75 -4.37
N ALA B 75 -2.28 8.57 -3.49
CA ALA B 75 -3.72 8.72 -3.42
C ALA B 75 -4.28 9.27 -4.73
N ALA B 76 -4.03 10.55 -5.00
CA ALA B 76 -4.51 11.16 -6.25
C ALA B 76 -4.18 10.28 -7.45
N GLY B 77 -3.12 9.49 -7.31
CA GLY B 77 -2.71 8.61 -8.39
C GLY B 77 -3.69 7.49 -8.58
N SER B 78 -4.17 6.94 -7.47
CA SER B 78 -5.15 5.85 -7.55
C SER B 78 -6.55 6.38 -7.34
N GLY B 79 -6.78 7.63 -7.76
CA GLY B 79 -8.08 8.24 -7.63
C GLY B 79 -8.69 8.15 -6.24
N MSE B 80 -7.86 7.81 -5.26
CA MSE B 80 -8.31 7.67 -3.87
C MSE B 80 -8.07 8.94 -3.07
O MSE B 80 -8.18 10.05 -3.58
CB MSE B 80 -7.56 6.52 -3.20
CG MSE B 80 -7.83 5.17 -3.82
SE MSE B 80 -9.70 4.72 -3.75
CE MSE B 80 -10.28 5.51 -5.41
N GLN B 81 -7.76 8.75 -1.79
CA GLN B 81 -7.49 9.85 -0.89
C GLN B 81 -6.48 9.32 0.12
N VAL B 82 -5.65 10.21 0.65
CA VAL B 82 -4.61 9.80 1.58
C VAL B 82 -5.14 8.84 2.63
N GLN B 83 -6.26 9.20 3.25
CA GLN B 83 -6.87 8.35 4.28
C GLN B 83 -7.02 6.93 3.75
N ASP B 84 -7.50 6.81 2.51
CA ASP B 84 -7.67 5.51 1.86
C ASP B 84 -6.32 4.79 1.88
N VAL B 85 -5.28 5.47 1.40
CA VAL B 85 -3.94 4.90 1.36
C VAL B 85 -3.53 4.47 2.75
N ASN B 86 -3.69 5.37 3.71
CA ASN B 86 -3.35 5.08 5.09
C ASN B 86 -4.04 3.78 5.50
N ARG B 87 -5.27 3.62 5.04
CA ARG B 87 -6.04 2.43 5.34
C ARG B 87 -5.26 1.21 4.83
N LEU B 88 -5.01 1.19 3.53
CA LEU B 88 -4.28 0.09 2.90
C LEU B 88 -2.93 -0.10 3.57
N LEU B 89 -2.27 1.00 3.89
CA LEU B 89 -0.97 0.94 4.54
C LEU B 89 -1.12 0.17 5.85
N LYS B 90 -2.16 0.49 6.61
CA LYS B 90 -2.41 -0.18 7.87
C LYS B 90 -2.64 -1.67 7.60
N GLN B 91 -3.42 -1.95 6.55
CA GLN B 91 -3.70 -3.34 6.21
C GLN B 91 -2.42 -4.12 5.97
N PHE B 92 -1.57 -3.63 5.08
CA PHE B 92 -0.30 -4.30 4.80
C PHE B 92 0.41 -4.69 6.09
N ASP B 93 0.55 -3.72 6.99
CA ASP B 93 1.23 -3.97 8.26
C ASP B 93 0.65 -5.21 8.93
N ASP B 94 -0.66 -5.22 9.14
CA ASP B 94 -1.30 -6.36 9.77
C ASP B 94 -0.90 -7.64 9.06
N MSE B 95 -1.17 -7.69 7.76
CA MSE B 95 -0.83 -8.86 6.95
C MSE B 95 0.67 -9.11 6.96
O MSE B 95 1.14 -10.18 6.54
CB MSE B 95 -1.31 -8.64 5.51
CG MSE B 95 -1.03 -9.80 4.56
SE MSE B 95 -1.99 -11.40 5.00
CE MSE B 95 -3.64 -11.04 4.07
N GLN B 96 1.43 -8.13 7.44
CA GLN B 96 2.88 -8.23 7.49
C GLN B 96 3.36 -8.83 8.81
N ARG B 97 3.05 -8.15 9.91
CA ARG B 97 3.47 -8.59 11.24
C ARG B 97 3.33 -10.10 11.44
N MSE B 98 2.21 -10.67 10.99
CA MSE B 98 1.98 -12.11 11.14
C MSE B 98 3.15 -12.89 10.55
O MSE B 98 3.71 -13.76 11.19
CB MSE B 98 0.68 -12.51 10.45
CG MSE B 98 -0.57 -12.01 11.13
SE MSE B 98 -2.16 -12.72 10.33
CE MSE B 98 -2.63 -11.23 9.20
N MSE B 99 3.50 -12.56 9.31
CA MSE B 99 4.60 -13.22 8.62
C MSE B 99 5.84 -13.19 9.51
O MSE B 99 6.62 -14.15 9.56
CB MSE B 99 4.91 -12.50 7.31
CG MSE B 99 3.69 -12.01 6.56
SE MSE B 99 2.40 -13.40 6.22
CE MSE B 99 3.07 -14.02 4.51
N LYS B 100 6.02 -12.08 10.23
CA LYS B 100 7.17 -11.90 11.12
C LYS B 100 6.90 -12.50 12.50
N LYS B 101 5.83 -13.28 12.61
CA LYS B 101 5.49 -13.92 13.87
C LYS B 101 5.08 -15.37 13.66
N MSE B 102 5.41 -15.91 12.49
CA MSE B 102 5.07 -17.29 12.15
C MSE B 102 5.64 -17.67 10.79
O MSE B 102 6.45 -18.61 10.73
OXT MSE B 102 5.26 -17.01 9.79
CB MSE B 102 3.55 -17.47 12.17
CG MSE B 102 2.78 -16.46 11.34
SE MSE B 102 0.86 -16.54 11.56
CE MSE B 102 0.41 -17.51 9.96
CO NCO C . 20.82 9.80 -20.78
N1 NCO C . 21.26 10.76 -19.12
N2 NCO C . 20.38 8.83 -22.43
N3 NCO C . 19.08 10.69 -20.85
N4 NCO C . 22.56 8.88 -20.70
N5 NCO C . 21.61 11.24 -21.84
N6 NCO C . 20.03 8.34 -19.72
CO NCO D . 5.33 12.60 -15.39
N1 NCO D . 4.85 12.41 -13.50
N2 NCO D . 5.83 12.77 -17.27
N3 NCO D . 3.62 13.49 -15.75
N4 NCO D . 7.05 11.71 -15.02
N5 NCO D . 6.16 14.34 -15.01
N6 NCO D . 4.51 10.86 -15.76
CO NCO E . -9.44 3.79 -17.83
N1 NCO E . -8.21 5.32 -17.90
N2 NCO E . -10.66 2.26 -17.76
N3 NCO E . -10.81 4.86 -18.74
N4 NCO E . -8.06 2.72 -16.92
N5 NCO E . -8.77 3.17 -19.56
N6 NCO E . -10.11 4.40 -16.08
CO NCO F . -20.96 7.00 -12.08
N1 NCO F . -19.67 8.26 -12.85
N2 NCO F . -22.26 5.73 -11.32
N3 NCO F . -22.43 8.01 -12.90
N4 NCO F . -19.49 5.98 -11.25
N5 NCO F . -20.83 5.89 -13.69
N6 NCO F . -21.09 8.11 -10.47
CO NCO G . -16.57 5.00 -20.24
N1 NCO G . -15.89 6.69 -20.97
N2 NCO G . -17.25 3.31 -19.51
N3 NCO G . -18.30 5.32 -21.11
N4 NCO G . -14.84 4.68 -19.37
N5 NCO G . -15.94 4.05 -21.84
N6 NCO G . -17.20 5.95 -18.64
CO NCO H . -4.86 12.58 -22.05
N1 NCO H . -5.50 14.22 -22.93
N2 NCO H . -4.22 10.95 -21.15
N3 NCO H . -6.38 12.68 -20.79
N4 NCO H . -3.35 12.49 -23.29
N5 NCO H . -5.94 11.49 -23.27
N6 NCO H . -3.79 13.68 -20.82
CO NCO I . 26.11 12.79 -23.53
N1 NCO I . 27.65 12.26 -22.44
N2 NCO I . 24.56 13.32 -24.62
N3 NCO I . 26.36 14.66 -22.99
N4 NCO I . 25.85 10.92 -24.08
N5 NCO I . 27.28 13.08 -25.07
N6 NCO I . 24.92 12.51 -21.99
CO NCO J . 32.00 16.43 -23.97
N1 NCO J . 33.18 15.26 -22.94
N2 NCO J . 30.80 17.60 -25.01
N3 NCO J . 32.67 17.99 -22.98
N4 NCO J . 31.31 14.87 -24.95
N5 NCO J . 33.39 16.67 -25.32
N6 NCO J . 30.59 16.19 -22.62
#